data_2RM9
#
_entry.id   2RM9
#
_entity_poly.entity_id   1
_entity_poly.type   'polypeptide(L)'
_entity_poly.pdbx_seq_one_letter_code
;DLS(DPN)H(2ML)LRK(NLE)IEIEKQEKEKQQAENNKLLLD(2ML)I(NH2)
;
_entity_poly.pdbx_strand_id   A
#
# COMPACT_ATOMS: atom_id res chain seq x y z
N ASP A 1 -10.78 16.72 -2.03
CA ASP A 1 -11.66 17.85 -2.33
C ASP A 1 -12.88 17.78 -1.41
N LEU A 2 -13.28 16.55 -1.09
CA LEU A 2 -14.43 16.34 -0.24
C LEU A 2 -14.59 14.84 0.03
N SER A 3 -13.45 14.18 0.18
CA SER A 3 -13.45 12.75 0.44
C SER A 3 -12.02 12.25 0.66
N HIS A 5 -9.37 13.93 1.69
CA HIS A 5 -8.89 14.38 2.99
C HIS A 5 -9.45 13.48 4.09
N LEU A 7 -9.35 10.56 4.01
CA LEU A 7 -8.48 9.40 4.03
C LEU A 7 -7.18 9.74 3.28
N ARG A 8 -6.62 10.90 3.61
CA ARG A 8 -5.39 11.34 2.98
C ARG A 8 -4.21 11.15 3.93
N LYS A 9 -4.47 11.41 5.20
CA LYS A 9 -3.43 11.27 6.21
C LYS A 9 -3.19 9.78 6.49
N ILE A 11 -3.37 7.19 4.44
CA ILE A 11 -2.47 6.63 3.43
C ILE A 11 -1.07 7.19 3.63
N GLU A 12 -0.62 7.97 2.66
CA GLU A 12 0.71 8.56 2.72
C GLU A 12 1.65 7.67 3.53
N ILE A 13 1.76 7.98 4.82
CA ILE A 13 2.63 7.23 5.70
C ILE A 13 2.53 5.74 5.34
N GLU A 14 1.37 5.18 5.60
CA GLU A 14 1.13 3.77 5.31
C GLU A 14 1.78 3.38 3.99
N LYS A 15 1.58 4.25 2.99
CA LYS A 15 2.14 4.01 1.68
C LYS A 15 3.67 4.13 1.74
N GLN A 16 4.12 5.29 2.21
CA GLN A 16 5.55 5.54 2.32
C GLN A 16 6.25 4.32 2.93
N GLU A 17 5.78 3.93 4.10
CA GLU A 17 6.36 2.79 4.80
C GLU A 17 6.14 1.51 3.98
N LYS A 18 4.90 1.31 3.58
CA LYS A 18 4.55 0.13 2.80
C LYS A 18 5.01 0.33 1.36
N GLU A 19 4.26 -0.26 0.44
CA GLU A 19 4.57 -0.16 -0.97
C GLU A 19 5.90 -0.87 -1.27
N LYS A 20 6.98 -0.25 -0.83
CA LYS A 20 8.31 -0.80 -1.04
C LYS A 20 8.26 -2.32 -0.83
N GLN A 21 7.97 -2.70 0.40
CA GLN A 21 7.88 -4.12 0.75
C GLN A 21 6.80 -4.80 -0.09
N GLN A 22 5.65 -4.14 -0.17
CA GLN A 22 4.53 -4.68 -0.93
C GLN A 22 4.96 -5.00 -2.36
N ALA A 23 4.02 -5.52 -3.13
CA ALA A 23 4.29 -5.87 -4.51
C ALA A 23 5.23 -7.07 -4.55
N GLU A 24 6.47 -6.82 -4.14
CA GLU A 24 7.47 -7.87 -4.12
C GLU A 24 7.13 -8.92 -3.06
N ASN A 25 6.18 -8.57 -2.21
CA ASN A 25 5.75 -9.47 -1.15
C ASN A 25 4.25 -9.73 -1.29
N ASN A 26 3.75 -9.55 -2.51
CA ASN A 26 2.34 -9.76 -2.78
C ASN A 26 2.20 -10.90 -3.80
N LYS A 27 3.08 -10.90 -4.78
CA LYS A 27 3.06 -11.92 -5.81
C LYS A 27 2.99 -13.30 -5.16
N LEU A 28 3.46 -13.35 -3.92
CA LEU A 28 3.46 -14.60 -3.17
C LEU A 28 2.01 -14.98 -2.84
N LEU A 29 1.22 -13.96 -2.53
CA LEU A 29 -0.17 -14.18 -2.18
C LEU A 29 -0.97 -14.45 -3.45
N LEU A 30 -0.51 -13.84 -4.54
CA LEU A 30 -1.17 -14.00 -5.83
C LEU A 30 -1.06 -15.46 -6.27
N ASP A 31 -0.04 -16.14 -5.75
CA ASP A 31 0.18 -17.53 -6.08
C ASP A 31 -1.01 -18.36 -5.61
N ILE A 33 -3.66 -17.35 -4.27
CA ILE A 33 -4.87 -16.69 -4.74
C ILE A 33 -5.19 -17.18 -6.16
N ASP A 1 -8.99 17.50 -2.01
CA ASP A 1 -9.36 18.86 -2.37
C ASP A 1 -10.53 19.32 -1.49
N LEU A 2 -11.40 18.37 -1.18
CA LEU A 2 -12.56 18.67 -0.35
C LEU A 2 -13.34 17.38 -0.10
N SER A 3 -12.60 16.33 0.21
CA SER A 3 -13.22 15.03 0.48
C SER A 3 -12.13 14.00 0.78
N HIS A 5 -9.54 14.26 2.33
CA HIS A 5 -9.16 14.34 3.73
C HIS A 5 -9.87 13.23 4.51
N LEU A 7 -9.82 10.48 4.03
CA LEU A 7 -8.90 9.35 4.09
C LEU A 7 -7.57 9.75 3.45
N ARG A 8 -6.96 10.78 4.03
CA ARG A 8 -5.69 11.27 3.52
C ARG A 8 -4.55 10.91 4.48
N LYS A 9 -4.87 10.96 5.77
CA LYS A 9 -3.90 10.64 6.80
C LYS A 9 -3.70 9.13 6.85
N ILE A 11 -3.83 6.86 4.44
CA ILE A 11 -2.92 6.44 3.40
C ILE A 11 -1.51 6.93 3.74
N GLU A 12 -1.00 7.81 2.90
CA GLU A 12 0.33 8.37 3.11
C GLU A 12 1.22 7.35 3.82
N ILE A 13 1.29 7.49 5.13
CA ILE A 13 2.10 6.60 5.94
C ILE A 13 1.99 5.18 5.38
N GLU A 14 0.78 4.63 5.46
CA GLU A 14 0.54 3.29 4.97
C GLU A 14 1.24 3.08 3.63
N LYS A 15 1.04 4.04 2.75
CA LYS A 15 1.64 3.98 1.43
C LYS A 15 3.17 4.02 1.56
N GLN A 16 3.64 5.02 2.28
CA GLN A 16 5.06 5.19 2.49
C GLN A 16 5.69 3.87 2.96
N GLU A 17 5.30 3.45 4.15
CA GLU A 17 5.82 2.21 4.71
C GLU A 17 5.59 1.05 3.73
N LYS A 18 4.34 0.86 3.36
CA LYS A 18 3.98 -0.19 2.44
C LYS A 18 4.42 0.19 1.03
N GLU A 19 3.65 -0.26 0.06
CA GLU A 19 3.95 0.02 -1.34
C GLU A 19 5.27 -0.63 -1.74
N LYS A 20 6.36 -0.04 -1.27
CA LYS A 20 7.68 -0.56 -1.56
C LYS A 20 7.65 -2.08 -1.51
N GLN A 21 7.43 -2.60 -0.32
CA GLN A 21 7.37 -4.04 -0.12
C GLN A 21 6.29 -4.66 -1.00
N GLN A 22 5.15 -3.98 -1.03
CA GLN A 22 4.03 -4.45 -1.83
C GLN A 22 4.48 -4.76 -3.26
N ALA A 23 3.57 -5.34 -4.02
CA ALA A 23 3.86 -5.70 -5.39
C ALA A 23 4.84 -6.88 -5.42
N GLU A 24 6.02 -6.63 -4.88
CA GLU A 24 7.05 -7.65 -4.83
C GLU A 24 6.75 -8.66 -3.71
N ASN A 25 5.74 -8.32 -2.92
CA ASN A 25 5.35 -9.18 -1.81
C ASN A 25 3.95 -9.74 -2.09
N ASN A 26 3.30 -9.16 -3.09
CA ASN A 26 1.96 -9.59 -3.46
C ASN A 26 2.06 -10.91 -4.24
N LYS A 27 2.94 -10.92 -5.22
CA LYS A 27 3.14 -12.11 -6.04
C LYS A 27 3.44 -13.30 -5.13
N LEU A 28 3.88 -12.99 -3.92
CA LEU A 28 4.21 -14.02 -2.95
C LEU A 28 2.91 -14.62 -2.38
N LEU A 29 1.85 -13.84 -2.49
CA LEU A 29 0.55 -14.28 -1.99
C LEU A 29 -0.18 -15.03 -3.11
N LEU A 30 -0.19 -14.43 -4.29
CA LEU A 30 -0.85 -15.03 -5.43
C LEU A 30 -0.30 -16.43 -5.66
N ASP A 31 0.89 -16.66 -5.11
CA ASP A 31 1.54 -17.95 -5.24
C ASP A 31 0.72 -19.01 -4.50
N ILE A 33 -2.38 -18.71 -3.07
CA ILE A 33 -3.74 -18.73 -3.62
C ILE A 33 -3.70 -19.28 -5.04
N ASP A 1 -8.71 15.99 -2.62
CA ASP A 1 -9.16 17.13 -3.39
C ASP A 1 -10.35 17.79 -2.70
N LEU A 2 -11.19 16.96 -2.11
CA LEU A 2 -12.37 17.44 -1.41
C LEU A 2 -13.12 16.26 -0.79
N SER A 3 -12.34 15.32 -0.26
CA SER A 3 -12.91 14.14 0.35
C SER A 3 -11.80 13.27 0.93
N HIS A 5 -9.37 13.92 2.48
CA HIS A 5 -9.08 14.32 3.85
C HIS A 5 -9.82 13.39 4.82
N LEU A 7 -9.80 10.59 4.88
CA LEU A 7 -8.88 9.51 5.19
C LEU A 7 -7.58 9.70 4.42
N ARG A 8 -7.02 10.89 4.55
CA ARG A 8 -5.78 11.22 3.87
C ARG A 8 -4.58 10.81 4.73
N LYS A 9 -4.45 11.48 5.86
CA LYS A 9 -3.36 11.20 6.78
C LYS A 9 -3.13 9.69 6.85
N ILE A 11 -3.53 7.31 4.81
CA ILE A 11 -2.73 6.85 3.68
C ILE A 11 -1.32 7.43 3.78
N GLU A 12 -0.98 8.22 2.78
CA GLU A 12 0.32 8.86 2.74
C GLU A 12 1.36 7.97 3.46
N ILE A 13 1.57 8.29 4.73
CA ILE A 13 2.53 7.54 5.53
C ILE A 13 2.43 6.06 5.17
N GLU A 14 1.29 5.48 5.46
CA GLU A 14 1.06 4.06 5.18
C GLU A 14 1.61 3.72 3.79
N LYS A 15 1.26 4.55 2.83
CA LYS A 15 1.70 4.34 1.45
C LYS A 15 3.22 4.48 1.39
N GLN A 16 3.72 5.53 2.03
CA GLN A 16 5.14 5.79 2.05
C GLN A 16 5.89 4.59 2.63
N GLU A 17 5.50 4.20 3.84
CA GLU A 17 6.11 3.08 4.51
C GLU A 17 5.81 1.78 3.75
N LYS A 18 4.53 1.55 3.52
CA LYS A 18 4.09 0.36 2.82
C LYS A 18 4.39 0.52 1.32
N GLU A 19 3.54 -0.10 0.52
CA GLU A 19 3.70 -0.03 -0.93
C GLU A 19 4.99 -0.73 -1.34
N LYS A 20 6.10 -0.06 -1.09
CA LYS A 20 7.41 -0.60 -1.43
C LYS A 20 7.42 -2.11 -1.12
N GLN A 21 7.22 -2.42 0.15
CA GLN A 21 7.21 -3.81 0.59
C GLN A 21 6.10 -4.57 -0.11
N GLN A 22 4.94 -3.94 -0.22
CA GLN A 22 3.79 -4.54 -0.85
C GLN A 22 4.05 -4.72 -2.35
N ALA A 23 3.09 -5.32 -3.03
CA ALA A 23 3.20 -5.55 -4.46
C ALA A 23 4.24 -6.64 -4.72
N GLU A 24 5.46 -6.37 -4.29
CA GLU A 24 6.55 -7.32 -4.47
C GLU A 24 6.40 -8.48 -3.48
N ASN A 25 5.47 -8.31 -2.55
CA ASN A 25 5.22 -9.33 -1.55
C ASN A 25 3.78 -9.83 -1.67
N ASN A 26 3.18 -9.50 -2.81
CA ASN A 26 1.81 -9.92 -3.07
C ASN A 26 1.81 -11.07 -4.07
N LYS A 27 2.64 -10.93 -5.09
CA LYS A 27 2.75 -11.95 -6.12
C LYS A 27 3.07 -13.29 -5.46
N LEU A 28 3.61 -13.21 -4.26
CA LEU A 28 3.97 -14.41 -3.51
C LEU A 28 2.70 -15.08 -3.00
N LEU A 29 1.64 -14.30 -2.91
CA LEU A 29 0.36 -14.80 -2.44
C LEU A 29 -0.40 -15.42 -3.61
N LEU A 30 -0.41 -14.69 -4.72
CA LEU A 30 -1.09 -15.15 -5.91
C LEU A 30 -0.53 -16.51 -6.33
N ASP A 31 0.66 -16.81 -5.81
CA ASP A 31 1.31 -18.06 -6.11
C ASP A 31 0.51 -19.21 -5.50
N ILE A 33 -2.50 -19.15 -4.03
CA ILE A 33 -3.86 -19.10 -4.54
C ILE A 33 -3.85 -19.49 -6.02
N ASP A 1 -11.47 17.21 -2.52
CA ASP A 1 -11.92 18.59 -2.57
C ASP A 1 -12.51 18.97 -1.22
N LEU A 2 -13.15 18.00 -0.59
CA LEU A 2 -13.77 18.21 0.71
C LEU A 2 -14.34 16.89 1.23
N SER A 3 -13.46 15.91 1.33
CA SER A 3 -13.87 14.60 1.81
C SER A 3 -12.72 13.60 1.64
N HIS A 5 -9.82 13.98 2.18
CA HIS A 5 -8.94 14.09 3.32
C HIS A 5 -9.20 12.92 4.28
N LEU A 7 -9.53 10.15 3.43
CA LEU A 7 -8.84 9.01 2.84
C LEU A 7 -7.55 9.50 2.16
N ARG A 8 -6.85 10.38 2.86
CA ARG A 8 -5.61 10.93 2.34
C ARG A 8 -4.49 10.75 3.36
N LYS A 9 -4.81 11.01 4.61
CA LYS A 9 -3.84 10.88 5.69
C LYS A 9 -3.57 9.40 5.95
N ILE A 11 -3.54 6.84 3.84
CA ILE A 11 -2.57 6.32 2.88
C ILE A 11 -1.20 6.92 3.18
N GLU A 12 -0.72 7.72 2.25
CA GLU A 12 0.58 8.36 2.39
C GLU A 12 1.50 7.49 3.25
N ILE A 13 1.53 7.79 4.54
CA ILE A 13 2.36 7.05 5.47
C ILE A 13 2.34 5.57 5.08
N GLU A 14 1.16 4.96 5.23
CA GLU A 14 1.00 3.56 4.91
C GLU A 14 1.77 3.22 3.63
N LYS A 15 1.60 4.07 2.63
CA LYS A 15 2.26 3.87 1.36
C LYS A 15 3.77 4.05 1.54
N GLN A 16 4.13 5.20 2.07
CA GLN A 16 5.53 5.52 2.30
C GLN A 16 6.25 4.32 2.92
N GLU A 17 5.78 3.93 4.10
CA GLU A 17 6.37 2.80 4.80
C GLU A 17 6.23 1.53 3.97
N LYS A 18 4.99 1.25 3.58
CA LYS A 18 4.72 0.06 2.78
C LYS A 18 5.26 0.27 1.37
N GLU A 19 4.60 -0.37 0.41
CA GLU A 19 5.01 -0.27 -0.98
C GLU A 19 6.39 -0.90 -1.18
N LYS A 20 7.40 -0.18 -0.71
CA LYS A 20 8.76 -0.66 -0.82
C LYS A 20 8.80 -2.18 -0.55
N GLN A 21 8.15 -2.56 0.54
CA GLN A 21 8.10 -3.96 0.93
C GLN A 21 7.06 -4.70 0.08
N GLN A 22 5.94 -4.05 -0.14
CA GLN A 22 4.88 -4.63 -0.93
C GLN A 22 5.37 -4.91 -2.36
N ALA A 23 4.48 -5.50 -3.15
CA ALA A 23 4.80 -5.82 -4.53
C ALA A 23 5.54 -7.17 -4.57
N GLU A 24 6.57 -7.26 -3.74
CA GLU A 24 7.36 -8.49 -3.67
C GLU A 24 6.76 -9.46 -2.66
N ASN A 25 5.95 -8.89 -1.77
CA ASN A 25 5.29 -9.70 -0.75
C ASN A 25 3.81 -9.83 -1.06
N ASN A 26 3.50 -9.63 -2.34
CA ASN A 26 2.11 -9.72 -2.79
C ASN A 26 1.98 -10.89 -3.77
N LYS A 27 2.92 -10.95 -4.70
CA LYS A 27 2.93 -12.00 -5.69
C LYS A 27 2.95 -13.36 -5.00
N LEU A 28 3.47 -13.36 -3.78
CA LEU A 28 3.56 -14.58 -2.99
C LEU A 28 2.17 -14.99 -2.53
N LEU A 29 1.29 -13.99 -2.43
CA LEU A 29 -0.08 -14.24 -2.00
C LEU A 29 -0.94 -14.58 -3.23
N LEU A 30 -0.62 -13.92 -4.34
CA LEU A 30 -1.34 -14.12 -5.57
C LEU A 30 -1.03 -15.53 -6.10
N ASP A 31 0.17 -15.99 -5.80
CA ASP A 31 0.60 -17.30 -6.23
C ASP A 31 -0.45 -18.35 -5.82
N ILE A 33 -3.29 -17.81 -4.17
CA ILE A 33 -4.60 -17.29 -4.54
C ILE A 33 -4.90 -17.67 -5.99
N ASP A 1 -10.09 16.44 -3.34
CA ASP A 1 -10.36 15.09 -3.79
C ASP A 1 -11.82 14.73 -3.46
N LEU A 2 -12.28 15.26 -2.34
CA LEU A 2 -13.64 15.01 -1.90
C LEU A 2 -13.70 13.67 -1.17
N SER A 3 -12.67 13.43 -0.36
CA SER A 3 -12.59 12.19 0.40
C SER A 3 -11.15 11.93 0.83
N HIS A 5 -9.08 13.93 2.11
CA HIS A 5 -8.86 14.50 3.43
C HIS A 5 -9.50 13.61 4.49
N LEU A 7 -9.21 10.81 4.77
CA LEU A 7 -8.21 9.82 5.11
C LEU A 7 -6.90 10.13 4.39
N ARG A 8 -6.48 11.39 4.51
CA ARG A 8 -5.25 11.83 3.88
C ARG A 8 -4.04 11.51 4.77
N LYS A 9 -4.24 11.69 6.07
CA LYS A 9 -3.18 11.43 7.03
C LYS A 9 -3.01 9.91 7.17
N ILE A 11 -3.35 7.51 4.92
CA ILE A 11 -2.52 7.00 3.83
C ILE A 11 -1.08 7.48 4.04
N GLU A 12 -0.64 8.31 3.10
CA GLU A 12 0.70 8.85 3.16
C GLU A 12 1.64 7.88 3.86
N ILE A 13 1.81 8.10 5.16
CA ILE A 13 2.68 7.25 5.96
C ILE A 13 2.52 5.80 5.50
N GLU A 14 1.31 5.29 5.69
CA GLU A 14 1.01 3.92 5.31
C GLU A 14 1.62 3.61 3.94
N LYS A 15 1.36 4.50 3.00
CA LYS A 15 1.87 4.34 1.65
C LYS A 15 3.40 4.39 1.67
N GLN A 16 3.91 5.49 2.21
CA GLN A 16 5.35 5.68 2.30
C GLN A 16 6.02 4.39 2.77
N GLU A 17 5.62 3.94 3.94
CA GLU A 17 6.17 2.72 4.52
C GLU A 17 5.79 1.51 3.65
N LYS A 18 4.50 1.39 3.40
CA LYS A 18 4.00 0.28 2.60
C LYS A 18 4.38 0.51 1.14
N GLU A 19 3.56 -0.04 0.25
CA GLU A 19 3.80 0.09 -1.17
C GLU A 19 5.12 -0.58 -1.56
N LYS A 20 6.21 0.13 -1.26
CA LYS A 20 7.54 -0.38 -1.56
C LYS A 20 7.59 -1.88 -1.25
N GLN A 21 7.39 -2.19 0.02
CA GLN A 21 7.42 -3.58 0.47
C GLN A 21 6.38 -4.39 -0.30
N GLN A 22 5.17 -3.84 -0.39
CA GLN A 22 4.10 -4.50 -1.10
C GLN A 22 4.52 -4.83 -2.53
N ALA A 23 3.57 -5.41 -3.27
CA ALA A 23 3.84 -5.78 -4.65
C ALA A 23 4.84 -6.93 -4.69
N GLU A 24 6.07 -6.61 -4.31
CA GLU A 24 7.14 -7.60 -4.29
C GLU A 24 6.87 -8.65 -3.20
N ASN A 25 5.92 -8.31 -2.33
CA ASN A 25 5.57 -9.21 -1.24
C ASN A 25 4.08 -9.56 -1.33
N ASN A 26 3.55 -9.41 -2.54
CA ASN A 26 2.14 -9.69 -2.77
C ASN A 26 2.03 -10.86 -3.75
N LYS A 27 2.90 -10.83 -4.75
CA LYS A 27 2.90 -11.88 -5.76
C LYS A 27 2.90 -13.25 -5.08
N LEU A 28 3.41 -13.26 -3.86
CA LEU A 28 3.49 -14.49 -3.09
C LEU A 28 2.07 -14.92 -2.69
N LEU A 29 1.26 -13.93 -2.36
CA LEU A 29 -0.11 -14.19 -1.97
C LEU A 29 -0.96 -14.48 -3.21
N LEU A 30 -0.55 -13.87 -4.32
CA LEU A 30 -1.26 -14.06 -5.57
C LEU A 30 -1.05 -15.51 -6.05
N ASP A 31 0.16 -16.01 -5.82
CA ASP A 31 0.49 -17.36 -6.23
C ASP A 31 -0.60 -18.32 -5.74
N ILE A 33 -3.73 -17.63 -4.66
CA ILE A 33 -4.96 -17.32 -5.35
C ILE A 33 -4.83 -17.69 -6.83
N ASP A 1 -10.55 18.37 -1.01
CA ASP A 1 -11.57 18.95 -1.86
C ASP A 1 -12.95 18.55 -1.33
N LEU A 2 -13.02 17.34 -0.80
CA LEU A 2 -14.26 16.82 -0.26
C LEU A 2 -14.02 15.46 0.37
N SER A 3 -13.47 15.49 1.58
CA SER A 3 -13.17 14.26 2.29
C SER A 3 -11.80 13.71 1.86
N HIS A 5 -9.07 15.00 2.23
CA HIS A 5 -8.12 15.24 3.29
C HIS A 5 -8.31 14.19 4.39
N LEU A 7 -9.06 11.42 3.88
CA LEU A 7 -8.67 10.16 3.27
C LEU A 7 -7.24 10.29 2.73
N ARG A 8 -6.61 11.40 3.06
CA ARG A 8 -5.25 11.66 2.61
C ARG A 8 -4.25 11.26 3.70
N LYS A 9 -4.74 11.29 4.94
CA LYS A 9 -3.90 10.93 6.08
C LYS A 9 -3.79 9.40 6.16
N ILE A 11 -3.79 7.13 3.77
CA ILE A 11 -2.79 6.63 2.84
C ILE A 11 -1.40 7.06 3.32
N GLU A 12 -0.77 7.91 2.53
CA GLU A 12 0.56 8.40 2.86
C GLU A 12 1.33 7.36 3.67
N ILE A 13 1.25 7.52 4.98
CA ILE A 13 1.93 6.61 5.90
C ILE A 13 1.82 5.17 5.34
N GLU A 14 0.58 4.70 5.27
CA GLU A 14 0.32 3.36 4.77
C GLU A 14 1.15 3.10 3.51
N LYS A 15 1.07 4.04 2.59
CA LYS A 15 1.80 3.93 1.33
C LYS A 15 3.31 3.91 1.63
N GLN A 16 3.77 4.96 2.28
CA GLN A 16 5.17 5.07 2.63
C GLN A 16 5.71 3.74 3.14
N GLU A 17 5.07 3.25 4.21
CA GLU A 17 5.47 1.99 4.79
C GLU A 17 5.21 0.84 3.82
N LYS A 18 3.98 0.79 3.35
CA LYS A 18 3.58 -0.26 2.41
C LYS A 18 4.21 0.02 1.04
N GLU A 19 3.54 -0.45 0.01
CA GLU A 19 4.01 -0.27 -1.35
C GLU A 19 5.36 -0.98 -1.54
N LYS A 20 6.40 -0.38 -0.99
CA LYS A 20 7.73 -0.95 -1.10
C LYS A 20 7.65 -2.47 -0.92
N GLN A 21 7.24 -2.87 0.27
CA GLN A 21 7.11 -4.29 0.58
C GLN A 21 6.13 -4.95 -0.39
N GLN A 22 4.99 -4.30 -0.58
CA GLN A 22 3.97 -4.82 -1.46
C GLN A 22 4.56 -5.09 -2.85
N ALA A 23 3.71 -5.59 -3.74
CA ALA A 23 4.13 -5.90 -5.09
C ALA A 23 5.08 -7.10 -5.07
N GLU A 24 6.26 -6.87 -4.51
CA GLU A 24 7.26 -7.92 -4.42
C GLU A 24 6.79 -9.01 -3.46
N ASN A 25 5.98 -8.60 -2.49
CA ASN A 25 5.46 -9.53 -1.51
C ASN A 25 4.14 -10.10 -2.01
N ASN A 26 3.52 -9.37 -2.91
CA ASN A 26 2.24 -9.79 -3.47
C ASN A 26 2.39 -11.17 -4.10
N LYS A 27 3.46 -11.32 -4.88
CA LYS A 27 3.73 -12.58 -5.54
C LYS A 27 3.53 -13.73 -4.54
N LEU A 28 4.23 -13.63 -3.43
CA LEU A 28 4.15 -14.64 -2.39
C LEU A 28 2.68 -15.02 -2.17
N LEU A 29 1.82 -14.01 -2.29
CA LEU A 29 0.40 -14.22 -2.11
C LEU A 29 -0.20 -14.78 -3.39
N LEU A 30 0.24 -14.21 -4.51
CA LEU A 30 -0.24 -14.64 -5.81
C LEU A 30 0.10 -16.12 -6.01
N ASP A 31 1.10 -16.57 -5.27
CA ASP A 31 1.54 -17.96 -5.35
C ASP A 31 0.38 -18.88 -4.92
N ILE A 33 -2.50 -18.08 -4.10
CA ILE A 33 -3.69 -17.65 -4.81
C ILE A 33 -3.72 -18.29 -6.18
N ASP A 1 -11.12 18.71 -1.21
CA ASP A 1 -11.97 19.88 -0.99
C ASP A 1 -12.71 19.73 0.32
N LEU A 2 -13.11 18.49 0.62
CA LEU A 2 -13.82 18.20 1.84
C LEU A 2 -14.06 16.70 1.94
N SER A 3 -13.01 15.94 1.67
CA SER A 3 -13.10 14.49 1.73
C SER A 3 -11.75 13.87 1.37
N HIS A 5 -9.02 14.84 2.08
CA HIS A 5 -8.15 14.90 3.23
C HIS A 5 -8.49 13.76 4.19
N LEU A 7 -9.35 11.11 3.31
CA LEU A 7 -8.98 9.91 2.59
C LEU A 7 -7.51 9.98 2.20
N ARG A 8 -6.86 11.06 2.64
CA ARG A 8 -5.45 11.26 2.35
C ARG A 8 -4.59 10.64 3.45
N LYS A 9 -4.74 11.17 4.64
CA LYS A 9 -3.97 10.68 5.78
C LYS A 9 -3.90 9.14 5.71
N ILE A 11 -3.85 7.05 3.31
CA ILE A 11 -2.79 6.60 2.41
C ILE A 11 -1.44 7.03 2.98
N GLU A 12 -0.77 7.91 2.25
CA GLU A 12 0.53 8.40 2.66
C GLU A 12 1.24 7.35 3.52
N ILE A 13 1.10 7.48 4.82
CA ILE A 13 1.72 6.55 5.74
C ILE A 13 1.65 5.13 5.17
N GLU A 14 0.42 4.65 5.04
CA GLU A 14 0.21 3.31 4.51
C GLU A 14 1.10 3.07 3.29
N LYS A 15 1.10 4.04 2.39
CA LYS A 15 1.90 3.96 1.19
C LYS A 15 3.38 3.94 1.57
N GLN A 16 3.80 4.98 2.28
CA GLN A 16 5.17 5.09 2.71
C GLN A 16 5.68 3.74 3.24
N GLU A 17 5.00 3.27 4.29
CA GLU A 17 5.37 2.00 4.89
C GLU A 17 5.19 0.86 3.89
N LYS A 18 4.00 0.79 3.33
CA LYS A 18 3.69 -0.24 2.35
C LYS A 18 4.42 0.05 1.05
N GLU A 19 3.83 -0.39 -0.05
CA GLU A 19 4.41 -0.18 -1.36
C GLU A 19 5.74 -0.93 -1.47
N LYS A 20 6.75 -0.37 -0.82
CA LYS A 20 8.08 -0.98 -0.85
C LYS A 20 7.93 -2.51 -0.74
N GLN A 21 7.33 -2.93 0.36
CA GLN A 21 7.12 -4.35 0.60
C GLN A 21 6.15 -4.92 -0.42
N GLN A 22 5.09 -4.18 -0.67
CA GLN A 22 4.08 -4.61 -1.63
C GLN A 22 4.74 -5.06 -2.93
N ALA A 23 3.93 -5.64 -3.80
CA ALA A 23 4.42 -6.12 -5.08
C ALA A 23 5.33 -7.33 -4.85
N GLU A 24 6.48 -7.05 -4.24
CA GLU A 24 7.44 -8.11 -3.97
C GLU A 24 6.89 -9.06 -2.89
N ASN A 25 5.77 -8.66 -2.32
CA ASN A 25 5.13 -9.46 -1.28
C ASN A 25 3.79 -9.99 -1.80
N ASN A 26 3.37 -9.42 -2.92
CA ASN A 26 2.11 -9.82 -3.53
C ASN A 26 2.29 -11.16 -4.23
N LYS A 27 3.34 -11.23 -5.05
CA LYS A 27 3.64 -12.44 -5.78
C LYS A 27 3.72 -13.62 -4.81
N LEU A 28 4.00 -13.29 -3.56
CA LEU A 28 4.10 -14.32 -2.52
C LEU A 28 2.70 -14.83 -2.17
N LEU A 29 1.75 -13.91 -2.19
CA LEU A 29 0.38 -14.24 -1.87
C LEU A 29 -0.27 -14.90 -3.09
N LEU A 30 0.07 -14.38 -4.26
CA LEU A 30 -0.47 -14.90 -5.50
C LEU A 30 -0.05 -16.37 -5.66
N ASP A 31 1.20 -16.64 -5.30
CA ASP A 31 1.73 -17.99 -5.39
C ASP A 31 0.72 -18.97 -4.79
N ILE A 33 -2.43 -18.46 -3.85
CA ILE A 33 -3.68 -18.37 -4.60
C ILE A 33 -3.54 -19.11 -5.93
N ASP A 1 -10.34 19.42 0.80
CA ASP A 1 -11.24 19.79 -0.27
C ASP A 1 -12.68 19.58 0.18
N LEU A 2 -13.01 18.33 0.46
CA LEU A 2 -14.35 17.98 0.90
C LEU A 2 -14.40 16.48 1.21
N SER A 3 -13.90 16.14 2.39
CA SER A 3 -13.89 14.75 2.82
C SER A 3 -12.76 14.00 2.12
N HIS A 5 -9.54 14.51 2.70
CA HIS A 5 -8.53 14.22 3.70
C HIS A 5 -8.71 12.78 4.20
N LEU A 7 -9.17 10.48 2.58
CA LEU A 7 -8.52 9.63 1.61
C LEU A 7 -7.21 10.28 1.15
N ARG A 8 -6.51 10.86 2.12
CA ARG A 8 -5.24 11.51 1.85
C ARG A 8 -4.24 11.23 2.96
N LYS A 9 -4.72 11.37 4.20
CA LYS A 9 -3.86 11.12 5.35
C LYS A 9 -3.71 9.62 5.56
N ILE A 11 -3.48 7.44 3.44
CA ILE A 11 -2.49 6.94 2.51
C ILE A 11 -1.09 7.34 2.99
N GLU A 12 -0.44 8.17 2.19
CA GLU A 12 0.91 8.62 2.53
C GLU A 12 1.62 7.59 3.41
N ILE A 13 1.53 7.81 4.70
CA ILE A 13 2.15 6.91 5.66
C ILE A 13 2.00 5.47 5.17
N GLU A 14 0.75 5.04 5.09
CA GLU A 14 0.45 3.69 4.65
C GLU A 14 1.31 3.33 3.43
N LYS A 15 1.30 4.23 2.46
CA LYS A 15 2.07 4.04 1.24
C LYS A 15 3.56 4.00 1.58
N GLN A 16 4.02 5.10 2.13
CA GLN A 16 5.43 5.22 2.50
C GLN A 16 5.93 3.89 3.09
N GLU A 17 5.19 3.41 4.08
CA GLU A 17 5.54 2.16 4.73
C GLU A 17 5.28 0.98 3.79
N LYS A 18 4.07 0.95 3.25
CA LYS A 18 3.68 -0.12 2.35
C LYS A 18 4.36 0.10 0.99
N GLU A 19 3.71 -0.41 -0.04
CA GLU A 19 4.25 -0.28 -1.39
C GLU A 19 5.60 -0.98 -1.49
N LYS A 20 6.63 -0.29 -1.03
CA LYS A 20 7.98 -0.83 -1.07
C LYS A 20 7.93 -2.31 -0.70
N GLN A 21 7.46 -2.58 0.50
CA GLN A 21 7.36 -3.95 0.99
C GLN A 21 6.37 -4.74 0.13
N GLN A 22 5.35 -4.05 -0.34
CA GLN A 22 4.34 -4.67 -1.17
C GLN A 22 4.93 -5.07 -2.53
N ALA A 23 4.06 -5.57 -3.39
CA ALA A 23 4.49 -6.00 -4.71
C ALA A 23 5.35 -7.25 -4.59
N GLU A 24 6.49 -7.09 -3.92
CA GLU A 24 7.40 -8.19 -3.73
C GLU A 24 6.78 -9.25 -2.80
N ASN A 25 5.87 -8.78 -1.97
CA ASN A 25 5.20 -9.66 -1.03
C ASN A 25 3.89 -10.16 -1.64
N ASN A 26 3.46 -9.45 -2.68
CA ASN A 26 2.22 -9.82 -3.37
C ASN A 26 2.37 -11.20 -3.97
N LYS A 27 3.50 -11.42 -4.64
CA LYS A 27 3.77 -12.69 -5.27
C LYS A 27 3.45 -13.82 -4.28
N LEU A 28 4.02 -13.70 -3.10
CA LEU A 28 3.81 -14.70 -2.06
C LEU A 28 2.32 -15.04 -1.98
N LEU A 29 1.50 -14.04 -2.31
CA LEU A 29 0.07 -14.22 -2.28
C LEU A 29 -0.39 -14.93 -3.55
N LEU A 30 0.22 -14.53 -4.66
CA LEU A 30 -0.11 -15.13 -5.95
C LEU A 30 0.10 -16.64 -5.88
N ASP A 31 1.14 -17.02 -5.16
CA ASP A 31 1.46 -18.44 -5.01
C ASP A 31 0.18 -19.21 -4.64
N ILE A 33 -2.70 -18.28 -4.89
CA ILE A 33 -3.64 -18.09 -5.98
C ILE A 33 -2.95 -18.39 -7.31
N ASP A 1 -8.28 16.56 -2.31
CA ASP A 1 -8.70 17.80 -2.95
C ASP A 1 -9.93 18.36 -2.23
N LEU A 2 -10.81 17.44 -1.84
CA LEU A 2 -12.03 17.82 -1.15
C LEU A 2 -12.80 16.56 -0.75
N SER A 3 -12.06 15.57 -0.30
CA SER A 3 -12.66 14.31 0.11
C SER A 3 -11.58 13.38 0.67
N HIS A 5 -9.37 13.98 2.39
CA HIS A 5 -9.10 14.34 3.78
C HIS A 5 -9.93 13.45 4.71
N LEU A 7 -9.71 10.52 4.83
CA LEU A 7 -8.83 9.44 5.22
C LEU A 7 -7.46 9.64 4.56
N ARG A 8 -7.07 10.90 4.43
CA ARG A 8 -5.80 11.23 3.81
C ARG A 8 -4.65 10.74 4.69
N LYS A 9 -4.85 10.87 5.99
CA LYS A 9 -3.83 10.44 6.95
C LYS A 9 -3.63 8.93 6.83
N ILE A 11 -3.85 6.88 4.57
CA ILE A 11 -2.97 6.54 3.45
C ILE A 11 -1.57 7.07 3.75
N GLU A 12 -1.13 7.98 2.90
CA GLU A 12 0.20 8.58 3.04
C GLU A 12 1.13 7.60 3.76
N ILE A 13 1.22 7.76 5.07
CA ILE A 13 2.08 6.90 5.87
C ILE A 13 2.00 5.47 5.34
N GLU A 14 0.81 4.91 5.45
CA GLU A 14 0.58 3.55 4.99
C GLU A 14 1.25 3.32 3.63
N LYS A 15 1.00 4.26 2.73
CA LYS A 15 1.57 4.19 1.39
C LYS A 15 3.09 4.27 1.48
N GLN A 16 3.55 5.33 2.13
CA GLN A 16 4.98 5.55 2.29
C GLN A 16 5.66 4.25 2.74
N GLU A 17 5.27 3.78 3.92
CA GLU A 17 5.82 2.56 4.46
C GLU A 17 5.51 1.37 3.56
N LYS A 18 4.23 1.22 3.26
CA LYS A 18 3.77 0.14 2.41
C LYS A 18 4.16 0.44 0.97
N GLU A 19 3.38 -0.12 0.05
CA GLU A 19 3.63 0.08 -1.37
C GLU A 19 4.97 -0.54 -1.76
N LYS A 20 6.04 0.15 -1.38
CA LYS A 20 7.38 -0.32 -1.69
C LYS A 20 7.44 -1.84 -1.49
N GLN A 21 7.16 -2.26 -0.27
CA GLN A 21 7.18 -3.68 0.05
C GLN A 21 6.16 -4.44 -0.80
N GLN A 22 4.96 -3.87 -0.87
CA GLN A 22 3.89 -4.47 -1.64
C GLN A 22 4.37 -4.75 -3.08
N ALA A 23 3.42 -5.22 -3.89
CA ALA A 23 3.73 -5.53 -5.27
C ALA A 23 4.61 -6.79 -5.33
N GLU A 24 5.78 -6.67 -4.73
CA GLU A 24 6.71 -7.78 -4.71
C GLU A 24 6.32 -8.79 -3.61
N ASN A 25 5.57 -8.29 -2.64
CA ASN A 25 5.13 -9.12 -1.54
C ASN A 25 3.65 -9.48 -1.74
N ASN A 26 3.23 -9.46 -3.00
CA ASN A 26 1.86 -9.78 -3.35
C ASN A 26 1.84 -11.02 -4.24
N LYS A 27 2.70 -11.00 -5.24
CA LYS A 27 2.78 -12.12 -6.17
C LYS A 27 3.18 -13.38 -5.41
N LEU A 28 3.90 -13.19 -4.32
CA LEU A 28 4.34 -14.30 -3.50
C LEU A 28 3.17 -14.85 -2.71
N LEU A 29 2.27 -13.94 -2.33
CA LEU A 29 1.10 -14.32 -1.56
C LEU A 29 0.00 -14.79 -2.53
N LEU A 30 -0.01 -14.18 -3.71
CA LEU A 30 -0.98 -14.53 -4.72
C LEU A 30 -0.60 -15.87 -5.37
N ASP A 31 0.64 -16.26 -5.14
CA ASP A 31 1.16 -17.50 -5.69
C ASP A 31 0.32 -18.67 -5.14
N ILE A 33 -2.37 -18.56 -3.36
CA ILE A 33 -3.77 -18.31 -3.66
C ILE A 33 -4.05 -18.65 -5.12
N ASP A 1 -10.74 20.00 0.82
CA ASP A 1 -11.56 20.52 -0.26
C ASP A 1 -13.02 20.09 -0.03
N LEU A 2 -13.20 18.78 0.13
CA LEU A 2 -14.53 18.23 0.34
C LEU A 2 -14.42 16.72 0.55
N SER A 3 -14.13 16.34 1.79
CA SER A 3 -14.00 14.93 2.12
C SER A 3 -12.67 14.40 1.61
N HIS A 5 -9.79 15.20 2.86
CA HIS A 5 -8.96 14.93 4.03
C HIS A 5 -9.36 13.59 4.65
N LEU A 7 -9.80 11.15 3.28
CA LEU A 7 -9.09 10.14 2.53
C LEU A 7 -7.87 10.77 1.86
N ARG A 8 -6.75 10.75 2.56
CA ARG A 8 -5.52 11.31 2.05
C ARG A 8 -4.39 11.16 3.06
N LYS A 9 -4.77 11.29 4.33
CA LYS A 9 -3.80 11.17 5.41
C LYS A 9 -3.56 9.68 5.72
N ILE A 11 -3.52 7.35 3.75
CA ILE A 11 -2.64 6.80 2.74
C ILE A 11 -1.20 7.28 3.00
N GLU A 12 -0.67 7.99 2.03
CA GLU A 12 0.69 8.52 2.14
C GLU A 12 1.53 7.62 3.03
N ILE A 13 1.59 7.99 4.30
CA ILE A 13 2.36 7.21 5.27
C ILE A 13 2.21 5.73 4.97
N GLU A 14 0.97 5.26 5.06
CA GLU A 14 0.68 3.86 4.80
C GLU A 14 1.40 3.40 3.54
N LYS A 15 1.21 4.16 2.47
CA LYS A 15 1.84 3.84 1.20
C LYS A 15 3.36 3.88 1.35
N GLN A 16 3.85 5.05 1.76
CA GLN A 16 5.28 5.23 1.95
C GLN A 16 5.89 3.99 2.61
N GLU A 17 5.35 3.66 3.77
CA GLU A 17 5.84 2.50 4.51
C GLU A 17 5.58 1.21 3.72
N LYS A 18 4.33 1.03 3.33
CA LYS A 18 3.94 -0.14 2.58
C LYS A 18 4.56 -0.07 1.18
N GLU A 19 3.83 -0.63 0.22
CA GLU A 19 4.30 -0.64 -1.16
C GLU A 19 5.63 -1.40 -1.27
N LYS A 20 6.69 -0.72 -0.88
CA LYS A 20 8.02 -1.32 -0.94
C LYS A 20 7.93 -2.78 -0.49
N GLN A 21 7.40 -2.96 0.71
CA GLN A 21 7.25 -4.29 1.28
C GLN A 21 6.33 -5.13 0.40
N GLN A 22 5.21 -4.53 0.02
CA GLN A 22 4.24 -5.21 -0.81
C GLN A 22 4.82 -5.47 -2.21
N ALA A 23 4.00 -6.09 -3.05
CA ALA A 23 4.42 -6.40 -4.41
C ALA A 23 5.46 -7.53 -4.36
N GLU A 24 6.57 -7.23 -3.70
CA GLU A 24 7.65 -8.20 -3.57
C GLU A 24 7.24 -9.32 -2.62
N ASN A 25 6.21 -9.06 -1.85
CA ASN A 25 5.71 -10.03 -0.88
C ASN A 25 4.26 -10.37 -1.21
N ASN A 26 3.90 -10.16 -2.46
CA ASN A 26 2.55 -10.45 -2.93
C ASN A 26 2.60 -11.56 -3.96
N LYS A 27 3.60 -11.51 -4.81
CA LYS A 27 3.77 -12.51 -5.85
C LYS A 27 3.79 -13.90 -5.21
N LEU A 28 4.22 -13.94 -3.96
CA LEU A 28 4.29 -15.19 -3.23
C LEU A 28 2.89 -15.60 -2.78
N LEU A 29 2.01 -14.60 -2.69
CA LEU A 29 0.64 -14.84 -2.28
C LEU A 29 -0.22 -15.12 -3.51
N LEU A 30 0.32 -14.71 -4.66
CA LEU A 30 -0.39 -14.90 -5.92
C LEU A 30 -0.20 -16.34 -6.40
N ASP A 31 0.83 -16.97 -5.86
CA ASP A 31 1.12 -18.35 -6.21
C ASP A 31 0.10 -19.28 -5.56
N ILE A 33 -2.52 -18.54 -4.27
CA ILE A 33 -3.84 -18.12 -4.74
C ILE A 33 -3.99 -18.49 -6.22
N ASP A 1 -9.86 18.76 0.09
CA ASP A 1 -10.22 20.11 0.46
C ASP A 1 -11.26 20.07 1.59
N LEU A 2 -12.11 19.06 1.53
CA LEU A 2 -13.15 18.89 2.52
C LEU A 2 -13.95 17.63 2.22
N SER A 3 -13.22 16.59 1.83
CA SER A 3 -13.86 15.32 1.51
C SER A 3 -12.79 14.29 1.14
N HIS A 5 -9.93 14.02 2.28
CA HIS A 5 -9.29 13.55 3.50
C HIS A 5 -9.86 12.17 3.86
N LEU A 7 -9.92 9.88 2.19
CA LEU A 7 -9.03 8.92 1.56
C LEU A 7 -7.70 9.58 1.23
N ARG A 8 -7.04 10.07 2.27
CA ARG A 8 -5.76 10.74 2.10
C ARG A 8 -4.76 10.25 3.16
N LYS A 9 -4.98 10.69 4.38
CA LYS A 9 -4.11 10.31 5.48
C LYS A 9 -3.89 8.79 5.44
N ILE A 11 -3.62 6.90 3.47
CA ILE A 11 -2.62 6.57 2.48
C ILE A 11 -1.24 6.99 3.00
N GLU A 12 -0.64 7.95 2.32
CA GLU A 12 0.67 8.44 2.69
C GLU A 12 1.44 7.36 3.45
N ILE A 13 1.34 7.43 4.77
CA ILE A 13 2.03 6.46 5.62
C ILE A 13 1.95 5.08 4.97
N GLU A 14 0.73 4.59 4.82
CA GLU A 14 0.51 3.29 4.23
C GLU A 14 1.38 3.12 2.98
N LYS A 15 1.31 4.12 2.12
CA LYS A 15 2.09 4.09 0.89
C LYS A 15 3.58 4.10 1.23
N GLN A 16 3.96 5.03 2.10
CA GLN A 16 5.35 5.14 2.51
C GLN A 16 5.87 3.79 2.98
N GLU A 17 5.22 3.25 3.99
CA GLU A 17 5.61 1.96 4.54
C GLU A 17 5.41 0.86 3.50
N LYS A 18 4.20 0.80 2.95
CA LYS A 18 3.88 -0.19 1.95
C LYS A 18 4.64 0.12 0.66
N GLU A 19 4.04 -0.25 -0.46
CA GLU A 19 4.65 -0.02 -1.75
C GLU A 19 6.01 -0.72 -1.84
N LYS A 20 7.02 -0.05 -1.31
CA LYS A 20 8.36 -0.59 -1.31
C LYS A 20 8.31 -2.10 -1.02
N GLN A 21 7.78 -2.42 0.15
CA GLN A 21 7.66 -3.80 0.58
C GLN A 21 6.68 -4.54 -0.32
N GLN A 22 5.60 -3.85 -0.65
CA GLN A 22 4.57 -4.43 -1.50
C GLN A 22 5.19 -5.01 -2.77
N ALA A 23 4.33 -5.52 -3.65
CA ALA A 23 4.78 -6.10 -4.89
C ALA A 23 5.57 -7.37 -4.59
N GLU A 24 6.78 -7.18 -4.09
CA GLU A 24 7.64 -8.30 -3.75
C GLU A 24 7.01 -9.14 -2.64
N ASN A 25 6.09 -8.53 -1.92
CA ASN A 25 5.41 -9.20 -0.84
C ASN A 25 3.99 -9.57 -1.28
N ASN A 26 3.78 -9.51 -2.58
CA ASN A 26 2.48 -9.83 -3.14
C ASN A 26 2.53 -11.23 -3.76
N LYS A 27 3.60 -11.49 -4.48
CA LYS A 27 3.79 -12.78 -5.13
C LYS A 27 3.47 -13.89 -4.13
N LEU A 28 4.30 -13.95 -3.08
CA LEU A 28 4.12 -14.95 -2.05
C LEU A 28 2.63 -15.08 -1.71
N LEU A 29 1.92 -13.98 -1.91
CA LEU A 29 0.49 -13.96 -1.62
C LEU A 29 -0.28 -14.49 -2.84
N LEU A 30 0.10 -13.97 -4.01
CA LEU A 30 -0.54 -14.38 -5.24
C LEU A 30 -0.41 -15.90 -5.40
N ASP A 31 0.79 -16.39 -5.15
CA ASP A 31 1.06 -17.82 -5.25
C ASP A 31 -0.11 -18.60 -4.66
N ILE A 33 -3.22 -17.21 -3.82
CA ILE A 33 -4.42 -16.78 -4.53
C ILE A 33 -4.54 -17.59 -5.82
N ASP A 1 -10.45 17.91 2.40
CA ASP A 1 -10.95 19.26 2.55
C ASP A 1 -12.44 19.29 2.20
N LEU A 2 -12.82 18.43 1.26
CA LEU A 2 -14.20 18.35 0.83
C LEU A 2 -14.51 16.92 0.40
N SER A 3 -14.42 16.01 1.36
CA SER A 3 -14.70 14.61 1.10
C SER A 3 -13.62 14.03 0.18
N HIS A 5 -9.80 14.63 1.51
CA HIS A 5 -8.64 14.69 2.39
C HIS A 5 -8.81 13.71 3.55
N LEU A 7 -9.47 10.81 3.15
CA LEU A 7 -8.94 9.55 2.65
C LEU A 7 -7.61 9.80 1.94
N ARG A 8 -6.92 10.85 2.38
CA ARG A 8 -5.65 11.20 1.80
C ARG A 8 -4.52 11.03 2.81
N LYS A 9 -4.86 11.29 4.07
CA LYS A 9 -3.89 11.16 5.14
C LYS A 9 -3.68 9.67 5.46
N ILE A 11 -3.74 7.04 3.44
CA ILE A 11 -2.80 6.46 2.50
C ILE A 11 -1.41 7.02 2.78
N GLU A 12 -0.90 7.77 1.81
CA GLU A 12 0.42 8.36 1.93
C GLU A 12 1.32 7.48 2.81
N ILE A 13 1.36 7.83 4.08
CA ILE A 13 2.17 7.08 5.03
C ILE A 13 2.09 5.59 4.70
N GLU A 14 0.91 5.03 4.94
CA GLU A 14 0.69 3.62 4.67
C GLU A 14 1.41 3.20 3.39
N LYS A 15 1.38 4.10 2.41
CA LYS A 15 2.01 3.85 1.13
C LYS A 15 3.52 3.99 1.28
N GLN A 16 3.93 5.11 1.86
CA GLN A 16 5.34 5.37 2.07
C GLN A 16 6.02 4.18 2.73
N GLU A 17 5.55 3.86 3.93
CA GLU A 17 6.11 2.75 4.68
C GLU A 17 5.93 1.45 3.90
N LYS A 18 4.68 1.18 3.52
CA LYS A 18 4.37 -0.02 2.77
C LYS A 18 4.90 0.12 1.35
N GLU A 19 4.18 -0.51 0.42
CA GLU A 19 4.58 -0.46 -0.98
C GLU A 19 5.92 -1.16 -1.19
N LYS A 20 6.98 -0.49 -0.76
CA LYS A 20 8.30 -1.04 -0.89
C LYS A 20 8.27 -2.54 -0.57
N GLN A 21 7.89 -2.85 0.67
CA GLN A 21 7.82 -4.24 1.10
C GLN A 21 6.77 -4.99 0.28
N GLN A 22 5.63 -4.34 0.09
CA GLN A 22 4.54 -4.93 -0.66
C GLN A 22 4.99 -5.23 -2.10
N ALA A 23 4.13 -5.93 -2.82
CA ALA A 23 4.42 -6.28 -4.20
C ALA A 23 5.44 -7.43 -4.22
N GLU A 24 6.64 -7.12 -3.77
CA GLU A 24 7.71 -8.12 -3.73
C GLU A 24 7.39 -9.18 -2.67
N ASN A 25 6.38 -8.90 -1.86
CA ASN A 25 5.98 -9.81 -0.81
C ASN A 25 4.50 -10.15 -0.98
N ASN A 26 4.01 -9.93 -2.20
CA ASN A 26 2.62 -10.22 -2.50
C ASN A 26 2.54 -11.38 -3.49
N LYS A 27 3.47 -11.37 -4.44
CA LYS A 27 3.52 -12.41 -5.44
C LYS A 27 3.47 -13.78 -4.76
N LEU A 28 3.91 -13.80 -3.52
CA LEU A 28 3.91 -15.03 -2.74
C LEU A 28 2.47 -15.44 -2.42
N LEU A 29 1.65 -14.42 -2.17
CA LEU A 29 0.26 -14.66 -1.85
C LEU A 29 -0.52 -14.97 -3.13
N LEU A 30 -0.08 -14.34 -4.21
CA LEU A 30 -0.71 -14.54 -5.51
C LEU A 30 -0.52 -15.99 -5.95
N ASP A 31 0.70 -16.48 -5.76
CA ASP A 31 1.01 -17.85 -6.13
C ASP A 31 -0.12 -18.77 -5.68
N ILE A 33 -3.17 -18.04 -4.73
CA ILE A 33 -4.38 -17.68 -5.46
C ILE A 33 -4.27 -18.18 -6.90
N ASP A 1 -9.46 17.76 0.55
CA ASP A 1 -10.21 18.93 0.13
C ASP A 1 -11.51 18.48 -0.55
N LEU A 2 -11.36 17.58 -1.51
CA LEU A 2 -12.52 17.07 -2.24
C LEU A 2 -13.03 15.81 -1.53
N SER A 3 -13.02 15.85 -0.21
CA SER A 3 -13.48 14.73 0.58
C SER A 3 -12.33 13.75 0.82
N HIS A 5 -9.63 14.33 2.15
CA HIS A 5 -9.10 14.54 3.48
C HIS A 5 -9.71 13.53 4.46
N LEU A 7 -9.60 10.64 4.13
CA LEU A 7 -8.69 9.52 4.14
C LEU A 7 -7.40 9.91 3.41
N ARG A 8 -6.81 11.00 3.86
CA ARG A 8 -5.58 11.48 3.27
C ARG A 8 -4.39 11.22 4.20
N LYS A 9 -4.65 11.39 5.49
CA LYS A 9 -3.61 11.18 6.49
C LYS A 9 -3.41 9.67 6.68
N ILE A 11 -3.63 7.22 4.51
CA ILE A 11 -2.77 6.70 3.46
C ILE A 11 -1.35 7.22 3.68
N GLU A 12 -0.89 8.02 2.74
CA GLU A 12 0.45 8.59 2.81
C GLU A 12 1.38 7.65 3.57
N ILE A 13 1.51 7.90 4.87
CA ILE A 13 2.37 7.09 5.72
C ILE A 13 2.24 5.63 5.30
N GLU A 14 1.04 5.09 5.47
CA GLU A 14 0.77 3.72 5.12
C GLU A 14 1.41 3.38 3.77
N LYS A 15 1.15 4.25 2.80
CA LYS A 15 1.69 4.06 1.47
C LYS A 15 3.21 4.12 1.52
N GLN A 16 3.71 5.25 2.00
CA GLN A 16 5.14 5.46 2.11
C GLN A 16 5.83 4.18 2.63
N GLU A 17 5.38 3.75 3.80
CA GLU A 17 5.93 2.56 4.42
C GLU A 17 5.58 1.33 3.58
N LYS A 18 4.29 1.18 3.31
CA LYS A 18 3.81 0.05 2.53
C LYS A 18 4.20 0.25 1.06
N GLU A 19 3.40 -0.33 0.19
CA GLU A 19 3.64 -0.23 -1.24
C GLU A 19 4.98 -0.87 -1.60
N LYS A 20 6.05 -0.14 -1.31
CA LYS A 20 7.39 -0.63 -1.60
C LYS A 20 7.46 -2.12 -1.26
N GLN A 21 7.13 -2.43 -0.02
CA GLN A 21 7.17 -3.81 0.44
C GLN A 21 6.20 -4.66 -0.38
N GLN A 22 4.99 -4.13 -0.54
CA GLN A 22 3.96 -4.84 -1.29
C GLN A 22 4.44 -5.10 -2.73
N ALA A 23 3.58 -5.74 -3.49
CA ALA A 23 3.90 -6.05 -4.88
C ALA A 23 4.97 -7.14 -4.91
N GLU A 24 6.14 -6.80 -4.39
CA GLU A 24 7.25 -7.72 -4.35
C GLU A 24 7.00 -8.80 -3.30
N ASN A 25 6.07 -8.52 -2.42
CA ASN A 25 5.72 -9.46 -1.36
C ASN A 25 4.25 -9.87 -1.50
N ASN A 26 3.76 -9.77 -2.72
CA ASN A 26 2.37 -10.12 -3.01
C ASN A 26 2.34 -11.28 -4.00
N LYS A 27 3.23 -11.23 -4.97
CA LYS A 27 3.30 -12.26 -5.98
C LYS A 27 3.46 -13.62 -5.30
N LEU A 28 4.04 -13.59 -4.11
CA LEU A 28 4.25 -14.79 -3.34
C LEU A 28 2.93 -15.22 -2.68
N LEU A 29 2.05 -14.24 -2.51
CA LEU A 29 0.76 -14.49 -1.90
C LEU A 29 -0.21 -15.01 -2.97
N LEU A 30 -0.07 -14.45 -4.17
CA LEU A 30 -0.91 -14.85 -5.28
C LEU A 30 -0.63 -16.30 -5.65
N ASP A 31 0.65 -16.65 -5.61
CA ASP A 31 1.07 -18.00 -5.94
C ASP A 31 0.13 -19.00 -5.26
N ILE A 33 -2.70 -18.41 -3.96
CA ILE A 33 -4.04 -18.16 -4.47
C ILE A 33 -4.16 -18.76 -5.87
N ASP A 1 -8.88 17.32 -2.35
CA ASP A 1 -9.27 18.68 -2.67
C ASP A 1 -10.34 19.15 -1.69
N LEU A 2 -11.21 18.21 -1.32
CA LEU A 2 -12.28 18.51 -0.38
C LEU A 2 -13.06 17.23 -0.08
N SER A 3 -12.30 16.20 0.29
CA SER A 3 -12.90 14.92 0.63
C SER A 3 -11.81 13.90 0.97
N HIS A 5 -9.43 14.13 2.66
CA HIS A 5 -9.15 14.17 4.09
C HIS A 5 -9.98 13.10 4.80
N LEU A 7 -10.00 10.24 4.06
CA LEU A 7 -9.17 9.04 4.04
C LEU A 7 -7.77 9.41 3.54
N ARG A 8 -7.21 10.44 4.14
CA ARG A 8 -5.88 10.90 3.76
C ARG A 8 -4.83 10.29 4.69
N LYS A 9 -4.81 10.77 5.93
CA LYS A 9 -3.87 10.29 6.92
C LYS A 9 -3.74 8.77 6.78
N ILE A 11 -3.94 6.75 4.36
CA ILE A 11 -3.02 6.40 3.29
C ILE A 11 -1.62 6.90 3.66
N GLU A 12 -1.11 7.79 2.82
CA GLU A 12 0.21 8.35 3.04
C GLU A 12 1.10 7.35 3.77
N ILE A 13 1.13 7.49 5.09
CA ILE A 13 1.94 6.60 5.92
C ILE A 13 1.87 5.18 5.36
N GLU A 14 0.66 4.64 5.35
CA GLU A 14 0.44 3.29 4.84
C GLU A 14 1.21 3.09 3.54
N LYS A 15 1.01 4.02 2.62
CA LYS A 15 1.67 3.95 1.32
C LYS A 15 3.18 4.08 1.53
N GLN A 16 3.58 5.18 2.12
CA GLN A 16 4.99 5.43 2.38
C GLN A 16 5.69 4.14 2.81
N GLU A 17 5.14 3.53 3.85
CA GLU A 17 5.70 2.30 4.37
C GLU A 17 5.42 1.13 3.41
N LYS A 18 4.16 1.04 3.02
CA LYS A 18 3.74 -0.01 2.10
C LYS A 18 4.25 0.31 0.69
N GLU A 19 3.61 -0.29 -0.29
CA GLU A 19 3.98 -0.08 -1.68
C GLU A 19 5.40 -0.62 -1.93
N LYS A 20 6.37 0.04 -1.32
CA LYS A 20 7.75 -0.37 -1.47
C LYS A 20 7.84 -1.89 -1.48
N GLN A 21 7.48 -2.47 -0.34
CA GLN A 21 7.51 -3.91 -0.19
C GLN A 21 6.48 -4.56 -1.12
N GLN A 22 5.36 -3.89 -1.25
CA GLN A 22 4.29 -4.39 -2.12
C GLN A 22 4.85 -4.82 -3.47
N ALA A 23 3.98 -5.40 -4.28
CA ALA A 23 4.37 -5.85 -5.60
C ALA A 23 5.26 -7.09 -5.47
N GLU A 24 6.41 -6.89 -4.86
CA GLU A 24 7.36 -7.98 -4.67
C GLU A 24 6.90 -8.88 -3.51
N ASN A 25 5.84 -8.43 -2.85
CA ASN A 25 5.29 -9.19 -1.73
C ASN A 25 3.90 -9.72 -2.11
N ASN A 26 3.38 -9.18 -3.21
CA ASN A 26 2.07 -9.59 -3.68
C ASN A 26 2.17 -10.99 -4.30
N LYS A 27 3.12 -11.13 -5.21
CA LYS A 27 3.32 -12.40 -5.88
C LYS A 27 3.47 -13.51 -4.82
N LEU A 28 3.84 -13.09 -3.62
CA LEU A 28 4.01 -14.04 -2.53
C LEU A 28 2.63 -14.47 -2.02
N LEU A 29 1.72 -13.51 -1.96
CA LEU A 29 0.37 -13.78 -1.50
C LEU A 29 -0.46 -14.35 -2.66
N LEU A 30 0.03 -14.11 -3.86
CA LEU A 30 -0.65 -14.58 -5.06
C LEU A 30 -0.35 -16.07 -5.25
N ASP A 31 0.86 -16.44 -4.89
CA ASP A 31 1.29 -17.83 -5.02
C ASP A 31 0.30 -18.73 -4.29
N ILE A 33 -2.54 -18.14 -3.52
CA ILE A 33 -3.81 -18.05 -4.22
C ILE A 33 -3.80 -18.99 -5.43
N ASP A 1 -13.17 15.67 4.17
CA ASP A 1 -14.04 16.77 4.56
C ASP A 1 -14.03 17.83 3.45
N LEU A 2 -12.88 17.97 2.81
CA LEU A 2 -12.74 18.93 1.74
C LEU A 2 -12.59 18.19 0.40
N SER A 3 -13.30 17.08 0.30
CA SER A 3 -13.26 16.28 -0.91
C SER A 3 -11.81 15.94 -1.26
N HIS A 5 -9.07 15.00 1.86
CA HIS A 5 -8.57 14.41 3.09
C HIS A 5 -9.31 13.10 3.35
N LEU A 7 -9.44 10.77 1.82
CA LEU A 7 -8.55 9.69 1.44
C LEU A 7 -7.16 10.26 1.15
N ARG A 8 -6.51 10.73 2.21
CA ARG A 8 -5.18 11.29 2.08
C ARG A 8 -4.26 10.76 3.18
N LYS A 9 -4.36 11.40 4.34
CA LYS A 9 -3.56 11.00 5.48
C LYS A 9 -3.48 9.48 5.54
N ILE A 11 -3.52 7.18 3.36
CA ILE A 11 -2.50 6.66 2.48
C ILE A 11 -1.12 7.12 2.96
N GLU A 12 -0.46 7.92 2.13
CA GLU A 12 0.85 8.43 2.47
C GLU A 12 1.59 7.45 3.38
N ILE A 13 1.49 7.69 4.67
CA ILE A 13 2.13 6.84 5.65
C ILE A 13 2.04 5.38 5.19
N GLU A 14 0.81 4.90 5.11
CA GLU A 14 0.57 3.53 4.68
C GLU A 14 1.43 3.19 3.47
N LYS A 15 1.37 4.07 2.47
CA LYS A 15 2.14 3.88 1.26
C LYS A 15 3.63 3.89 1.59
N GLN A 16 4.07 5.02 2.12
CA GLN A 16 5.47 5.18 2.49
C GLN A 16 6.01 3.88 3.09
N GLU A 17 5.31 3.40 4.10
CA GLU A 17 5.69 2.17 4.79
C GLU A 17 5.48 0.97 3.86
N LYS A 18 4.26 0.89 3.34
CA LYS A 18 3.91 -0.21 2.45
C LYS A 18 4.60 -0.01 1.10
N GLU A 19 3.97 -0.54 0.06
CA GLU A 19 4.53 -0.42 -1.28
C GLU A 19 5.87 -1.15 -1.36
N LYS A 20 6.89 -0.50 -0.83
CA LYS A 20 8.23 -1.08 -0.83
C LYS A 20 8.15 -2.58 -0.53
N GLN A 21 7.48 -2.89 0.57
CA GLN A 21 7.31 -4.27 0.97
C GLN A 21 6.20 -4.94 0.16
N GLN A 22 5.19 -4.15 -0.15
CA GLN A 22 4.06 -4.65 -0.92
C GLN A 22 4.51 -4.99 -2.35
N ALA A 23 3.58 -5.55 -3.10
CA ALA A 23 3.86 -5.93 -4.48
C ALA A 23 4.83 -7.11 -4.50
N GLU A 24 6.02 -6.87 -3.96
CA GLU A 24 7.04 -7.90 -3.91
C GLU A 24 6.67 -8.97 -2.88
N ASN A 25 5.60 -8.69 -2.14
CA ASN A 25 5.13 -9.61 -1.12
C ASN A 25 3.77 -10.17 -1.54
N ASN A 26 3.18 -9.53 -2.54
CA ASN A 26 1.89 -9.95 -3.04
C ASN A 26 2.06 -11.23 -3.88
N LYS A 27 3.00 -11.16 -4.81
CA LYS A 27 3.27 -12.29 -5.68
C LYS A 27 3.51 -13.54 -4.82
N LEU A 28 3.92 -13.29 -3.59
CA LEU A 28 4.19 -14.38 -2.66
C LEU A 28 2.88 -15.02 -2.23
N LEU A 29 1.85 -14.19 -2.14
CA LEU A 29 0.53 -14.66 -1.74
C LEU A 29 -0.20 -15.20 -2.97
N LEU A 30 -0.14 -14.43 -4.05
CA LEU A 30 -0.79 -14.83 -5.28
C LEU A 30 -0.30 -16.23 -5.68
N ASP A 31 0.97 -16.46 -5.43
CA ASP A 31 1.57 -17.75 -5.76
C ASP A 31 0.66 -18.88 -5.26
N ILE A 33 -2.53 -18.67 -4.05
CA ILE A 33 -3.82 -18.54 -4.69
C ILE A 33 -3.74 -19.08 -6.12
N ASP A 1 -9.97 17.79 -1.46
CA ASP A 1 -10.95 18.80 -1.81
C ASP A 1 -12.30 18.44 -1.17
N LEU A 2 -12.56 17.15 -1.11
CA LEU A 2 -13.80 16.66 -0.53
C LEU A 2 -13.81 15.14 -0.55
N SER A 3 -12.67 14.57 -0.21
CA SER A 3 -12.52 13.12 -0.19
C SER A 3 -11.15 12.74 0.33
N HIS A 5 -9.16 14.35 2.47
CA HIS A 5 -9.12 14.49 3.91
C HIS A 5 -9.91 13.34 4.56
N LEU A 7 -9.72 10.56 3.74
CA LEU A 7 -8.83 9.41 3.66
C LEU A 7 -7.49 9.84 3.08
N ARG A 8 -6.76 10.60 3.87
CA ARG A 8 -5.45 11.08 3.45
C ARG A 8 -4.36 10.59 4.40
N LYS A 9 -4.70 10.60 5.69
CA LYS A 9 -3.76 10.16 6.71
C LYS A 9 -3.57 8.64 6.59
N ILE A 11 -3.58 6.69 4.03
CA ILE A 11 -2.59 6.37 3.01
C ILE A 11 -1.23 6.89 3.44
N GLU A 12 -0.72 7.83 2.67
CA GLU A 12 0.58 8.43 2.96
C GLU A 12 1.44 7.44 3.75
N ILE A 13 1.40 7.59 5.07
CA ILE A 13 2.18 6.74 5.95
C ILE A 13 2.15 5.30 5.41
N GLU A 14 0.93 4.75 5.35
CA GLU A 14 0.75 3.40 4.86
C GLU A 14 1.53 3.20 3.56
N LYS A 15 1.33 4.12 2.63
CA LYS A 15 2.01 4.05 1.35
C LYS A 15 3.52 4.11 1.57
N GLN A 16 3.93 5.09 2.37
CA GLN A 16 5.34 5.27 2.66
C GLN A 16 5.93 3.98 3.22
N GLU A 17 5.28 3.46 4.26
CA GLU A 17 5.74 2.23 4.88
C GLU A 17 5.60 1.06 3.91
N LYS A 18 4.40 0.89 3.40
CA LYS A 18 4.13 -0.19 2.46
C LYS A 18 4.68 0.18 1.08
N GLU A 19 3.98 -0.26 0.06
CA GLU A 19 4.39 0.02 -1.31
C GLU A 19 5.74 -0.64 -1.61
N LYS A 20 6.78 -0.09 -1.02
CA LYS A 20 8.12 -0.61 -1.21
C LYS A 20 8.07 -2.14 -1.22
N GLN A 21 7.73 -2.69 -0.06
CA GLN A 21 7.65 -4.14 0.07
C GLN A 21 6.59 -4.70 -0.88
N GLN A 22 5.45 -4.03 -0.92
CA GLN A 22 4.36 -4.45 -1.78
C GLN A 22 4.88 -4.77 -3.18
N ALA A 23 4.01 -5.34 -3.99
CA ALA A 23 4.37 -5.70 -5.35
C ALA A 23 5.23 -6.96 -5.32
N GLU A 24 6.44 -6.81 -4.82
CA GLU A 24 7.37 -7.92 -4.73
C GLU A 24 6.98 -8.85 -3.57
N ASN A 25 5.95 -8.43 -2.85
CA ASN A 25 5.47 -9.21 -1.72
C ASN A 25 4.03 -9.64 -1.98
N ASN A 26 3.49 -9.15 -3.09
CA ASN A 26 2.12 -9.47 -3.46
C ASN A 26 2.10 -10.82 -4.19
N LYS A 27 3.04 -10.98 -5.11
CA LYS A 27 3.14 -12.21 -5.87
C LYS A 27 3.18 -13.40 -4.92
N LEU A 28 3.57 -13.11 -3.68
CA LEU A 28 3.66 -14.15 -2.67
C LEU A 28 2.26 -14.49 -2.17
N LEU A 29 1.49 -13.44 -1.90
CA LEU A 29 0.13 -13.62 -1.42
C LEU A 29 -0.79 -13.94 -2.60
N LEU A 30 -0.27 -13.67 -3.78
CA LEU A 30 -1.03 -13.92 -5.00
C LEU A 30 -0.81 -15.37 -5.44
N ASP A 31 0.35 -15.90 -5.09
CA ASP A 31 0.70 -17.26 -5.45
C ASP A 31 -0.35 -18.21 -4.87
N ILE A 33 -3.11 -17.37 -3.19
CA ILE A 33 -4.42 -16.86 -3.56
C ILE A 33 -4.74 -17.29 -4.99
N ASP A 1 -10.40 18.67 -0.55
CA ASP A 1 -10.75 20.04 -0.22
C ASP A 1 -11.71 20.04 0.98
N LEU A 2 -12.53 19.01 1.05
CA LEU A 2 -13.49 18.88 2.14
C LEU A 2 -14.24 17.55 1.99
N SER A 3 -13.48 16.50 1.69
CA SER A 3 -14.06 15.19 1.51
C SER A 3 -12.96 14.17 1.20
N HIS A 5 -9.99 14.17 2.17
CA HIS A 5 -9.27 13.86 3.39
C HIS A 5 -9.74 12.51 3.94
N LEU A 7 -9.77 10.03 2.65
CA LEU A 7 -8.84 9.03 2.15
C LEU A 7 -7.58 9.73 1.63
N ARG A 8 -6.86 10.37 2.55
CA ARG A 8 -5.65 11.08 2.20
C ARG A 8 -4.58 10.84 3.25
N LYS A 9 -4.97 11.05 4.50
CA LYS A 9 -4.05 10.86 5.62
C LYS A 9 -3.81 9.37 5.82
N ILE A 11 -3.66 6.94 3.60
CA ILE A 11 -2.66 6.47 2.67
C ILE A 11 -1.30 7.04 3.06
N GLU A 12 -0.76 7.87 2.18
CA GLU A 12 0.53 8.48 2.44
C GLU A 12 1.40 7.56 3.29
N ILE A 13 1.37 7.80 4.59
CA ILE A 13 2.15 7.01 5.52
C ILE A 13 2.12 5.55 5.08
N GLU A 14 0.93 4.96 5.15
CA GLU A 14 0.76 3.57 4.76
C GLU A 14 1.56 3.27 3.48
N LYS A 15 1.42 4.17 2.52
CA LYS A 15 2.11 4.02 1.25
C LYS A 15 3.61 4.13 1.48
N GLN A 16 4.01 5.27 2.04
CA GLN A 16 5.41 5.52 2.31
C GLN A 16 6.06 4.26 2.91
N GLU A 17 5.52 3.82 4.03
CA GLU A 17 6.03 2.64 4.71
C GLU A 17 5.86 1.41 3.82
N LYS A 18 4.62 1.21 3.38
CA LYS A 18 4.31 0.07 2.53
C LYS A 18 4.88 0.31 1.14
N GLU A 19 4.22 -0.27 0.15
CA GLU A 19 4.65 -0.13 -1.23
C GLU A 19 6.01 -0.80 -1.44
N LYS A 20 7.04 -0.15 -0.91
CA LYS A 20 8.38 -0.67 -1.02
C LYS A 20 8.36 -2.19 -0.83
N GLN A 21 7.99 -2.59 0.38
CA GLN A 21 7.92 -4.00 0.70
C GLN A 21 7.00 -4.73 -0.28
N GLN A 22 5.83 -4.15 -0.48
CA GLN A 22 4.85 -4.74 -1.40
C GLN A 22 5.52 -5.08 -2.73
N ALA A 23 4.72 -5.63 -3.63
CA ALA A 23 5.21 -6.01 -4.95
C ALA A 23 5.92 -7.36 -4.85
N GLU A 24 6.88 -7.43 -3.94
CA GLU A 24 7.64 -8.65 -3.74
C GLU A 24 6.97 -9.52 -2.67
N ASN A 25 6.03 -8.91 -1.96
CA ASN A 25 5.32 -9.61 -0.90
C ASN A 25 3.86 -9.85 -1.34
N ASN A 26 3.63 -9.60 -2.62
CA ASN A 26 2.30 -9.78 -3.17
C ASN A 26 2.24 -11.08 -3.97
N LYS A 27 3.25 -11.27 -4.82
CA LYS A 27 3.33 -12.46 -5.64
C LYS A 27 3.21 -13.69 -4.74
N LEU A 28 3.66 -13.53 -3.50
CA LEU A 28 3.60 -14.62 -2.55
C LEU A 28 2.15 -14.96 -2.24
N LEU A 29 1.32 -13.93 -2.22
CA LEU A 29 -0.10 -14.11 -1.95
C LEU A 29 -0.79 -14.64 -3.20
N LEU A 30 -0.11 -14.49 -4.32
CA LEU A 30 -0.65 -14.94 -5.59
C LEU A 30 -0.25 -16.40 -5.82
N ASP A 31 0.75 -16.84 -5.06
CA ASP A 31 1.23 -18.21 -5.17
C ASP A 31 0.10 -19.17 -4.83
N ILE A 33 -3.13 -18.22 -4.26
CA ILE A 33 -4.27 -17.81 -5.05
C ILE A 33 -4.14 -18.38 -6.47
N ASP A 1 -10.91 17.93 1.80
CA ASP A 1 -11.80 19.04 2.16
C ASP A 1 -13.24 18.55 2.15
N LEU A 2 -13.57 17.80 1.11
CA LEU A 2 -14.91 17.25 0.98
C LEU A 2 -14.91 16.10 -0.02
N SER A 3 -13.75 15.47 -0.13
CA SER A 3 -13.58 14.35 -1.04
C SER A 3 -12.10 14.18 -1.40
N HIS A 5 -8.82 15.12 1.39
CA HIS A 5 -8.13 15.10 2.67
C HIS A 5 -8.85 14.14 3.62
N LEU A 7 -9.40 11.40 3.20
CA LEU A 7 -8.70 10.12 3.12
C LEU A 7 -7.32 10.34 2.49
N ARG A 8 -6.55 11.23 3.12
CA ARG A 8 -5.22 11.54 2.63
C ARG A 8 -4.17 11.16 3.69
N LYS A 9 -4.54 11.38 4.94
CA LYS A 9 -3.64 11.08 6.04
C LYS A 9 -3.53 9.55 6.20
N ILE A 11 -3.63 7.14 3.86
CA ILE A 11 -2.66 6.60 2.92
C ILE A 11 -1.25 7.04 3.34
N GLU A 12 -0.66 7.88 2.50
CA GLU A 12 0.67 8.38 2.77
C GLU A 12 1.47 7.36 3.59
N ILE A 13 1.45 7.57 4.90
CA ILE A 13 2.17 6.68 5.80
C ILE A 13 2.03 5.24 5.30
N GLU A 14 0.81 4.73 5.37
CA GLU A 14 0.53 3.37 4.92
C GLU A 14 1.32 3.06 3.65
N LYS A 15 1.32 4.01 2.74
CA LYS A 15 2.02 3.84 1.48
C LYS A 15 3.53 3.87 1.75
N GLN A 16 3.97 4.95 2.39
CA GLN A 16 5.37 5.11 2.70
C GLN A 16 5.95 3.81 3.27
N GLU A 17 5.32 3.35 4.35
CA GLU A 17 5.76 2.13 5.00
C GLU A 17 5.58 0.93 4.06
N LYS A 18 4.37 0.83 3.52
CA LYS A 18 4.05 -0.26 2.60
C LYS A 18 4.70 0.02 1.25
N GLU A 19 4.04 -0.47 0.20
CA GLU A 19 4.53 -0.28 -1.15
C GLU A 19 5.86 -1.03 -1.34
N LYS A 20 6.90 -0.46 -0.74
CA LYS A 20 8.23 -1.07 -0.83
C LYS A 20 8.10 -2.59 -0.72
N GLN A 21 7.43 -3.02 0.33
CA GLN A 21 7.22 -4.44 0.57
C GLN A 21 6.17 -4.99 -0.38
N GLN A 22 5.15 -4.18 -0.63
CA GLN A 22 4.07 -4.57 -1.52
C GLN A 22 4.63 -4.95 -2.89
N ALA A 23 3.75 -5.46 -3.74
CA ALA A 23 4.14 -5.86 -5.08
C ALA A 23 5.01 -7.11 -5.00
N GLU A 24 6.19 -6.94 -4.45
CA GLU A 24 7.12 -8.05 -4.32
C GLU A 24 6.62 -9.04 -3.26
N ASN A 25 5.54 -8.65 -2.59
CA ASN A 25 4.95 -9.48 -1.56
C ASN A 25 3.61 -10.02 -2.06
N ASN A 26 3.14 -9.43 -3.15
CA ASN A 26 1.87 -9.84 -3.74
C ASN A 26 2.06 -11.18 -4.46
N LYS A 27 3.07 -11.23 -5.31
CA LYS A 27 3.36 -12.45 -6.07
C LYS A 27 3.54 -13.61 -5.09
N LEU A 28 3.89 -13.26 -3.87
CA LEU A 28 4.09 -14.27 -2.84
C LEU A 28 2.74 -14.82 -2.39
N LEU A 29 1.75 -13.94 -2.38
CA LEU A 29 0.41 -14.31 -1.98
C LEU A 29 -0.28 -15.02 -3.14
N LEU A 30 -0.06 -14.48 -4.34
CA LEU A 30 -0.65 -15.04 -5.53
C LEU A 30 -0.22 -16.51 -5.68
N ASP A 31 1.02 -16.76 -5.33
CA ASP A 31 1.57 -18.11 -5.41
C ASP A 31 0.58 -19.09 -4.78
N ILE A 33 -2.49 -18.57 -3.63
CA ILE A 33 -3.78 -18.43 -4.29
C ILE A 33 -3.76 -19.23 -5.59
N ASP A 1 -9.89 18.16 -1.38
CA ASP A 1 -10.69 18.26 -2.58
C ASP A 1 -12.17 18.12 -2.21
N LEU A 2 -12.47 17.05 -1.49
CA LEU A 2 -13.83 16.80 -1.06
C LEU A 2 -13.86 15.53 -0.19
N SER A 3 -13.49 15.71 1.06
CA SER A 3 -13.47 14.61 2.00
C SER A 3 -12.15 13.85 1.89
N HIS A 5 -9.25 14.87 2.49
CA HIS A 5 -8.44 15.13 3.68
C HIS A 5 -8.79 14.12 4.77
N LEU A 7 -9.35 11.31 4.26
CA LEU A 7 -8.79 10.05 3.78
C LEU A 7 -7.44 10.31 3.11
N ARG A 8 -6.74 11.31 3.63
CA ARG A 8 -5.44 11.68 3.09
C ARG A 8 -4.33 11.33 4.09
N LYS A 9 -4.68 11.42 5.37
CA LYS A 9 -3.74 11.12 6.43
C LYS A 9 -3.57 9.60 6.55
N ILE A 11 -3.70 7.26 4.22
CA ILE A 11 -2.76 6.77 3.22
C ILE A 11 -1.36 7.26 3.56
N GLU A 12 -0.83 8.10 2.68
CA GLU A 12 0.50 8.65 2.89
C GLU A 12 1.38 7.66 3.67
N ILE A 13 1.41 7.86 4.98
CA ILE A 13 2.19 6.99 5.84
C ILE A 13 2.10 5.55 5.35
N GLU A 14 0.87 5.04 5.37
CA GLU A 14 0.62 3.67 4.92
C GLU A 14 1.40 3.38 3.64
N LYS A 15 1.24 4.28 2.67
CA LYS A 15 1.93 4.14 1.39
C LYS A 15 3.44 4.15 1.63
N GLN A 16 3.91 5.24 2.19
CA GLN A 16 5.32 5.39 2.47
C GLN A 16 5.90 4.09 3.03
N GLU A 17 5.31 3.66 4.14
CA GLU A 17 5.76 2.43 4.78
C GLU A 17 5.53 1.23 3.85
N LYS A 18 4.29 1.10 3.39
CA LYS A 18 3.94 0.00 2.50
C LYS A 18 4.55 0.26 1.13
N GLU A 19 3.85 -0.22 0.10
CA GLU A 19 4.32 -0.06 -1.26
C GLU A 19 5.63 -0.82 -1.47
N LYS A 20 6.69 -0.26 -0.91
CA LYS A 20 8.01 -0.87 -1.03
C LYS A 20 7.87 -2.39 -0.90
N GLN A 21 7.40 -2.81 0.27
CA GLN A 21 7.22 -4.23 0.53
C GLN A 21 6.16 -4.82 -0.41
N GLN A 22 5.15 -4.01 -0.68
CA GLN A 22 4.07 -4.43 -1.56
C GLN A 22 4.62 -4.84 -2.92
N ALA A 23 3.73 -5.34 -3.76
CA ALA A 23 4.12 -5.78 -5.09
C ALA A 23 4.97 -7.04 -4.99
N GLU A 24 6.12 -6.88 -4.37
CA GLU A 24 7.04 -8.00 -4.20
C GLU A 24 6.53 -8.94 -3.10
N ASN A 25 5.42 -8.55 -2.50
CA ASN A 25 4.82 -9.33 -1.44
C ASN A 25 3.46 -9.86 -1.90
N ASN A 26 3.02 -9.34 -3.04
CA ASN A 26 1.74 -9.75 -3.60
C ASN A 26 1.91 -11.08 -4.33
N LYS A 27 2.93 -11.12 -5.17
CA LYS A 27 3.20 -12.33 -5.95
C LYS A 27 3.25 -13.54 -5.00
N LEU A 28 3.54 -13.25 -3.74
CA LEU A 28 3.61 -14.29 -2.74
C LEU A 28 2.20 -14.84 -2.47
N LEU A 29 1.23 -13.94 -2.55
CA LEU A 29 -0.15 -14.33 -2.34
C LEU A 29 -0.69 -15.05 -3.57
N LEU A 30 -0.03 -14.79 -4.70
CA LEU A 30 -0.43 -15.39 -5.96
C LEU A 30 0.10 -16.83 -6.00
N ASP A 31 1.16 -17.07 -5.25
CA ASP A 31 1.76 -18.39 -5.20
C ASP A 31 0.70 -19.41 -4.79
N ILE A 33 -2.21 -19.16 -4.55
CA ILE A 33 -3.32 -19.07 -5.50
C ILE A 33 -3.02 -19.99 -6.69
N ASP A 1 -10.51 16.83 -2.09
CA ASP A 1 -11.41 17.90 -2.49
C ASP A 1 -12.66 17.87 -1.60
N LEU A 2 -13.05 16.66 -1.23
CA LEU A 2 -14.22 16.49 -0.37
C LEU A 2 -14.38 15.00 -0.06
N SER A 3 -13.26 14.33 0.14
CA SER A 3 -13.28 12.91 0.44
C SER A 3 -11.85 12.41 0.67
N HIS A 5 -9.21 13.99 1.79
CA HIS A 5 -8.74 14.39 3.11
C HIS A 5 -9.33 13.45 4.15
N LEU A 7 -9.33 10.50 3.90
CA LEU A 7 -8.48 9.31 3.85
C LEU A 7 -7.15 9.67 3.20
N ARG A 8 -6.59 10.80 3.62
CA ARG A 8 -5.32 11.25 3.07
C ARG A 8 -4.19 10.99 4.07
N LYS A 9 -4.50 11.20 5.35
CA LYS A 9 -3.53 10.99 6.39
C LYS A 9 -3.30 9.49 6.59
N ILE A 11 -3.34 7.04 4.37
CA ILE A 11 -2.39 6.55 3.39
C ILE A 11 -1.00 7.11 3.70
N GLU A 12 -0.52 7.94 2.78
CA GLU A 12 0.79 8.55 2.94
C GLU A 12 1.70 7.63 3.76
N ILE A 13 1.74 7.89 5.05
CA ILE A 13 2.57 7.10 5.95
C ILE A 13 2.54 5.63 5.51
N GLU A 14 1.35 5.06 5.57
CA GLU A 14 1.17 3.67 5.18
C GLU A 14 1.87 3.39 3.85
N LYS A 15 1.58 4.25 2.88
CA LYS A 15 2.17 4.11 1.56
C LYS A 15 3.70 4.19 1.68
N GLN A 16 4.15 5.27 2.29
CA GLN A 16 5.57 5.49 2.47
C GLN A 16 6.23 4.23 3.05
N GLU A 17 5.70 3.80 4.18
CA GLU A 17 6.22 2.61 4.84
C GLU A 17 6.03 1.38 3.96
N LYS A 18 4.78 1.17 3.56
CA LYS A 18 4.45 0.04 2.72
C LYS A 18 4.83 0.35 1.26
N GLU A 19 4.06 -0.22 0.35
CA GLU A 19 4.32 0.00 -1.06
C GLU A 19 5.66 -0.61 -1.47
N LYS A 20 6.72 0.02 -0.99
CA LYS A 20 8.07 -0.44 -1.28
C LYS A 20 8.10 -1.98 -1.24
N GLN A 21 7.87 -2.50 -0.05
CA GLN A 21 7.86 -3.94 0.14
C GLN A 21 6.64 -4.56 -0.54
N GLN A 22 5.52 -3.87 -0.42
CA GLN A 22 4.28 -4.35 -1.01
C GLN A 22 4.48 -4.61 -2.51
N ALA A 23 3.53 -5.32 -3.09
CA ALA A 23 3.58 -5.64 -4.51
C ALA A 23 4.60 -6.76 -4.72
N GLU A 24 5.83 -6.49 -4.32
CA GLU A 24 6.90 -7.46 -4.46
C GLU A 24 6.88 -8.45 -3.30
N ASN A 25 5.83 -8.35 -2.49
CA ASN A 25 5.68 -9.23 -1.35
C ASN A 25 4.25 -9.79 -1.33
N ASN A 26 3.55 -9.56 -2.43
CA ASN A 26 2.18 -10.05 -2.56
C ASN A 26 2.15 -11.26 -3.48
N LYS A 27 3.00 -11.22 -4.50
CA LYS A 27 3.09 -12.30 -5.45
C LYS A 27 3.00 -13.65 -4.70
N LEU A 28 3.65 -13.69 -3.55
CA LEU A 28 3.65 -14.89 -2.74
C LEU A 28 2.21 -15.27 -2.41
N LEU A 29 1.47 -14.29 -1.89
CA LEU A 29 0.08 -14.51 -1.52
C LEU A 29 -0.77 -14.60 -2.79
N LEU A 30 -0.27 -13.96 -3.84
CA LEU A 30 -0.98 -13.96 -5.12
C LEU A 30 -0.86 -15.34 -5.75
N ASP A 31 0.30 -15.96 -5.57
CA ASP A 31 0.55 -17.27 -6.12
C ASP A 31 -0.60 -18.20 -5.74
N ILE A 33 -3.58 -17.42 -4.72
CA ILE A 33 -4.77 -16.93 -5.38
C ILE A 33 -4.73 -17.31 -6.86
#